data_3FSS
#
_entry.id   3FSS
#
_cell.length_a   82.409
_cell.length_b   92.206
_cell.length_c   34.273
_cell.angle_alpha   90.00
_cell.angle_beta   105.16
_cell.angle_gamma   90.00
#
_symmetry.space_group_name_H-M   'C 1 2 1'
#
loop_
_entity.id
_entity.type
_entity.pdbx_description
1 polymer 'Histone chaperone RTT106'
2 non-polymer GLYCEROL
3 non-polymer 'MALONIC ACID'
4 water water
#
_entity_poly.entity_id   1
_entity_poly.type   'polypeptide(L)'
_entity_poly.pdbx_seq_one_letter_code
;GH(MSE)SETNTIFKLEGVSVLSPLRKKLDLVFYLSNVDGSPVITLLKGNDRELSIYQLNKNIK(MSE)ASFLPVPEKPN
LIYLF(MSE)TYTSCEDNKFSEPVV(MSE)TLNKENTLNQFKKLGLLDSNVTDFEKCVEYIRKQAILTGFKISNPFVNST
LVDTDAEKINSFHLQCHRGTKEGTLYFLPDHIIFGFKKPILLLDASDIESITYSSITRLTFNASLVTKDGEKYEFS
(MSE)IDQTEYAKIDDYVKRK
;
_entity_poly.pdbx_strand_id   A
#
loop_
_chem_comp.id
_chem_comp.type
_chem_comp.name
_chem_comp.formula
GOL non-polymer GLYCEROL 'C3 H8 O3'
MLA non-polymer 'MALONIC ACID' 'C3 H4 O4'
#
# COMPACT_ATOMS: atom_id res chain seq x y z
N THR A 6 0.68 27.33 3.55
CA THR A 6 1.38 26.05 3.48
C THR A 6 1.71 25.65 2.05
N ASN A 7 2.77 24.87 1.87
CA ASN A 7 3.21 24.44 0.55
C ASN A 7 2.56 23.11 0.14
N THR A 8 1.50 23.20 -0.66
CA THR A 8 0.88 21.99 -1.17
C THR A 8 1.65 21.52 -2.41
N ILE A 9 2.02 20.23 -2.42
CA ILE A 9 2.74 19.67 -3.54
C ILE A 9 1.76 19.15 -4.60
N PHE A 10 0.83 18.29 -4.19
CA PHE A 10 -0.22 17.83 -5.08
C PHE A 10 -1.43 17.38 -4.29
N LYS A 11 -2.55 17.22 -4.98
CA LYS A 11 -3.79 16.72 -4.38
C LYS A 11 -4.48 15.79 -5.33
N LEU A 12 -5.27 14.88 -4.78
CA LEU A 12 -6.15 14.04 -5.58
C LEU A 12 -7.52 14.05 -4.94
N GLU A 13 -8.52 14.48 -5.69
N GLU A 13 -8.52 14.46 -5.69
CA GLU A 13 -9.89 14.56 -5.18
CA GLU A 13 -9.87 14.52 -5.16
C GLU A 13 -10.58 13.21 -5.27
C GLU A 13 -10.54 13.16 -5.23
N GLY A 14 -11.39 12.89 -4.26
CA GLY A 14 -12.28 11.74 -4.31
C GLY A 14 -11.63 10.39 -4.44
N VAL A 15 -10.59 10.18 -3.63
N VAL A 15 -10.60 10.14 -3.63
CA VAL A 15 -9.90 8.91 -3.55
CA VAL A 15 -9.96 8.84 -3.63
C VAL A 15 -10.72 7.92 -2.70
C VAL A 15 -10.64 7.87 -2.67
N SER A 16 -10.73 6.66 -3.10
N SER A 16 -10.99 6.70 -3.18
CA SER A 16 -11.48 5.63 -2.38
CA SER A 16 -11.57 5.65 -2.36
C SER A 16 -10.62 4.96 -1.33
C SER A 16 -10.54 5.12 -1.37
N VAL A 17 -10.76 5.39 -0.08
CA VAL A 17 -9.93 4.86 0.99
C VAL A 17 -10.64 3.66 1.62
N LEU A 18 -9.91 2.56 1.82
N LEU A 18 -9.87 2.59 1.86
CA LEU A 18 -10.51 1.36 2.40
CA LEU A 18 -10.39 1.30 2.29
C LEU A 18 -10.11 1.16 3.86
C LEU A 18 -10.00 0.98 3.74
N SER A 19 -8.90 1.59 4.19
CA SER A 19 -8.39 1.45 5.54
C SER A 19 -7.53 2.67 5.83
N PRO A 20 -7.49 3.13 7.10
CA PRO A 20 -8.12 2.60 8.32
C PRO A 20 -9.57 3.06 8.49
N LEU A 21 -10.11 3.73 7.48
CA LEU A 21 -11.53 4.00 7.42
C LEU A 21 -11.96 3.79 5.97
N ARG A 22 -13.25 3.53 5.76
CA ARG A 22 -13.76 3.28 4.42
C ARG A 22 -14.64 4.44 4.00
N LYS A 23 -14.04 5.38 3.26
CA LYS A 23 -14.70 6.61 2.86
C LYS A 23 -13.99 7.15 1.63
N LYS A 24 -14.72 7.88 0.79
N LYS A 24 -14.71 7.88 0.79
CA LYS A 24 -14.11 8.65 -0.28
CA LYS A 24 -14.08 8.63 -0.29
C LYS A 24 -13.58 9.96 0.30
C LYS A 24 -13.59 9.97 0.26
N LEU A 25 -12.29 10.21 0.12
CA LEU A 25 -11.64 11.35 0.76
C LEU A 25 -10.72 12.06 -0.23
N ASP A 26 -10.41 13.32 0.06
CA ASP A 26 -9.52 14.10 -0.79
C ASP A 26 -8.11 14.07 -0.22
N LEU A 27 -7.16 13.59 -1.00
CA LEU A 27 -5.77 13.48 -0.56
CA LEU A 27 -5.78 13.49 -0.54
C LEU A 27 -5.01 14.78 -0.84
N VAL A 28 -4.35 15.31 0.19
CA VAL A 28 -3.48 16.47 0.04
C VAL A 28 -2.09 16.11 0.58
N PHE A 29 -1.08 16.29 -0.26
CA PHE A 29 0.31 16.07 0.12
C PHE A 29 0.97 17.43 0.23
N TYR A 30 1.45 17.79 1.42
CA TYR A 30 1.99 19.13 1.62
C TYR A 30 3.18 19.12 2.55
N LEU A 31 3.91 20.24 2.59
CA LEU A 31 5.08 20.36 3.47
C LEU A 31 4.73 21.21 4.68
N SER A 32 5.14 20.76 5.86
CA SER A 32 4.92 21.51 7.08
C SER A 32 5.63 22.84 7.04
N ASN A 33 4.95 23.89 7.51
N ASN A 33 4.95 23.89 7.48
CA ASN A 33 5.55 25.22 7.56
CA ASN A 33 5.55 25.21 7.57
C ASN A 33 6.44 25.40 8.78
C ASN A 33 6.67 25.26 8.61
N VAL A 34 6.60 24.34 9.56
CA VAL A 34 7.51 24.34 10.70
C VAL A 34 8.92 23.89 10.32
N ASP A 35 9.03 22.70 9.73
CA ASP A 35 10.34 22.14 9.39
C ASP A 35 10.44 21.60 7.97
N GLY A 36 9.40 21.81 7.18
CA GLY A 36 9.39 21.39 5.78
C GLY A 36 9.12 19.91 5.57
N SER A 37 8.90 19.17 6.64
CA SER A 37 8.65 17.74 6.52
CA SER A 37 8.64 17.73 6.55
C SER A 37 7.29 17.47 5.87
N PRO A 38 7.20 16.36 5.13
CA PRO A 38 5.96 16.10 4.39
C PRO A 38 4.83 15.58 5.26
N VAL A 39 3.62 15.94 4.85
CA VAL A 39 2.38 15.53 5.49
C VAL A 39 1.38 15.05 4.46
N ILE A 40 0.63 14.00 4.80
CA ILE A 40 -0.55 13.61 4.03
CA ILE A 40 -0.55 13.71 4.01
C ILE A 40 -1.77 13.83 4.89
N THR A 41 -2.79 14.49 4.34
N THR A 41 -2.80 14.43 4.32
CA THR A 41 -4.07 14.54 5.01
CA THR A 41 -4.09 14.57 4.98
C THR A 41 -5.17 14.11 4.06
C THR A 41 -5.16 14.05 4.04
N LEU A 42 -6.20 13.46 4.60
CA LEU A 42 -7.33 12.96 3.82
C LEU A 42 -8.57 13.68 4.32
N LEU A 43 -9.24 14.43 3.44
CA LEU A 43 -10.31 15.34 3.82
C LEU A 43 -11.68 14.88 3.34
N LYS A 44 -12.70 15.21 4.13
CA LYS A 44 -14.09 15.17 3.69
C LYS A 44 -14.57 16.59 3.90
N GLY A 45 -14.82 17.32 2.81
CA GLY A 45 -15.04 18.74 2.94
C GLY A 45 -13.83 19.37 3.61
N ASN A 46 -14.07 20.10 4.70
N ASN A 46 -14.06 20.11 4.70
CA ASN A 46 -12.97 20.74 5.43
CA ASN A 46 -12.96 20.73 5.43
C ASN A 46 -12.47 19.89 6.60
C ASN A 46 -12.55 19.95 6.67
N ASP A 47 -13.11 18.75 6.82
CA ASP A 47 -12.77 17.88 7.93
C ASP A 47 -11.57 16.99 7.60
N ARG A 48 -10.52 17.09 8.41
CA ARG A 48 -9.37 16.19 8.31
C ARG A 48 -9.70 14.86 8.95
N GLU A 49 -10.07 13.87 8.14
N GLU A 49 -10.01 13.85 8.14
CA GLU A 49 -10.44 12.56 8.65
CA GLU A 49 -10.42 12.55 8.67
C GLU A 49 -9.22 11.79 9.11
C GLU A 49 -9.24 11.64 9.01
N LEU A 50 -8.13 11.93 8.36
N LEU A 50 -8.07 11.97 8.48
CA LEU A 50 -6.86 11.31 8.72
CA LEU A 50 -6.84 11.22 8.76
C LEU A 50 -5.72 12.22 8.33
C LEU A 50 -5.65 12.02 8.28
N SER A 51 -4.69 12.26 9.16
CA SER A 51 -3.48 12.97 8.82
C SER A 51 -2.28 12.24 9.39
N ILE A 52 -1.22 12.16 8.60
CA ILE A 52 0.04 11.57 9.03
C ILE A 52 1.12 12.60 8.79
N TYR A 53 1.82 12.97 9.87
CA TYR A 53 2.85 13.99 9.81
C TYR A 53 4.24 13.41 9.61
N GLN A 54 5.19 14.28 9.31
N GLN A 54 5.18 14.30 9.29
CA GLN A 54 6.58 13.89 9.13
CA GLN A 54 6.58 13.93 9.07
C GLN A 54 6.69 12.49 8.50
C GLN A 54 6.77 12.55 8.47
N LEU A 55 6.29 12.39 7.24
CA LEU A 55 6.33 11.11 6.57
C LEU A 55 7.76 10.53 6.49
N ASN A 56 8.75 11.42 6.51
CA ASN A 56 10.15 11.03 6.47
C ASN A 56 10.58 10.26 7.71
N LYS A 57 9.78 10.37 8.76
N LYS A 57 9.79 10.35 8.76
CA LYS A 57 10.02 9.66 10.01
CA LYS A 57 10.05 9.58 9.98
C LYS A 57 8.95 8.61 10.28
C LYS A 57 8.93 8.62 10.32
N ASN A 58 7.71 8.94 9.92
CA ASN A 58 6.55 8.19 10.38
C ASN A 58 6.00 7.10 9.46
N ILE A 59 6.40 7.12 8.18
CA ILE A 59 6.01 6.05 7.28
C ILE A 59 6.98 4.88 7.40
N LYS A 60 6.46 3.72 7.77
CA LYS A 60 7.32 2.55 7.98
C LYS A 60 7.55 1.80 6.69
N MSE A 61 6.51 1.72 5.87
CA MSE A 61 6.68 1.24 4.54
C MSE A 61 5.53 1.73 3.68
O MSE A 61 4.43 2.00 4.18
CB MSE A 61 6.82 -0.27 4.50
CG MSE A 61 5.70 -0.99 5.12
SE MSE A 61 5.36 -2.50 3.98
CE MSE A 61 4.92 -1.47 2.41
N ALA A 62 5.80 1.87 2.39
CA ALA A 62 4.78 2.33 1.47
C ALA A 62 5.03 1.70 0.11
N SER A 63 3.96 1.29 -0.54
CA SER A 63 4.09 0.61 -1.82
C SER A 63 2.85 0.75 -2.67
N PHE A 64 3.05 0.85 -3.97
CA PHE A 64 1.97 0.64 -4.94
C PHE A 64 1.81 -0.85 -5.17
N LEU A 65 0.57 -1.34 -5.12
CA LEU A 65 0.29 -2.76 -5.28
C LEU A 65 -0.88 -2.97 -6.22
N PRO A 66 -0.80 -4.00 -7.06
CA PRO A 66 -1.90 -4.25 -8.01
C PRO A 66 -3.17 -4.71 -7.28
N VAL A 67 -4.32 -4.33 -7.82
CA VAL A 67 -5.60 -4.80 -7.32
C VAL A 67 -5.93 -6.04 -8.14
N PRO A 68 -6.11 -7.18 -7.48
CA PRO A 68 -6.33 -8.40 -8.26
C PRO A 68 -7.52 -8.26 -9.23
N GLU A 69 -7.27 -8.66 -10.48
N GLU A 69 -7.32 -8.69 -10.48
CA GLU A 69 -8.28 -8.70 -11.54
CA GLU A 69 -8.41 -8.70 -11.46
C GLU A 69 -8.67 -7.34 -12.10
C GLU A 69 -8.92 -7.31 -11.83
N LYS A 70 -8.18 -6.26 -11.47
CA LYS A 70 -8.58 -4.90 -11.83
C LYS A 70 -7.39 -4.04 -12.24
N PRO A 71 -6.90 -4.24 -13.48
CA PRO A 71 -5.73 -3.51 -13.97
C PRO A 71 -5.95 -2.01 -14.16
N ASN A 72 -7.21 -1.58 -14.12
N ASN A 72 -7.20 -1.57 -14.12
CA ASN A 72 -7.52 -0.15 -14.24
CA ASN A 72 -7.51 -0.14 -14.24
C ASN A 72 -7.33 0.59 -12.92
C ASN A 72 -7.41 0.59 -12.90
N LEU A 73 -7.12 -0.16 -11.84
CA LEU A 73 -6.98 0.40 -10.50
C LEU A 73 -5.60 0.05 -9.93
N ILE A 74 -5.18 0.77 -8.90
CA ILE A 74 -3.98 0.42 -8.16
C ILE A 74 -4.18 0.76 -6.69
N TYR A 75 -3.56 -0.01 -5.81
CA TYR A 75 -3.56 0.33 -4.38
C TYR A 75 -2.34 1.15 -4.06
N LEU A 76 -2.52 2.15 -3.21
CA LEU A 76 -1.39 2.76 -2.52
C LEU A 76 -1.53 2.37 -1.05
N PHE A 77 -0.53 1.63 -0.56
CA PHE A 77 -0.53 1.04 0.77
C PHE A 77 0.56 1.72 1.60
N MSE A 78 0.24 2.13 2.82
CA MSE A 78 1.22 2.80 3.68
C MSE A 78 1.01 2.39 5.14
O MSE A 78 -0.13 2.40 5.61
CB MSE A 78 1.13 4.34 3.56
CG MSE A 78 0.92 4.87 2.13
SE MSE A 78 0.79 6.83 2.06
CE MSE A 78 2.68 7.16 2.31
N THR A 79 2.08 2.05 5.84
CA THR A 79 1.99 1.84 7.29
C THR A 79 2.69 3.00 7.98
N TYR A 80 2.23 3.33 9.18
CA TYR A 80 2.66 4.54 9.87
C TYR A 80 2.82 4.29 11.37
N THR A 81 3.69 5.07 11.99
CA THR A 81 3.98 4.96 13.41
C THR A 81 2.86 5.56 14.24
N SER A 82 2.36 6.72 13.82
CA SER A 82 1.22 7.36 14.47
C SER A 82 0.54 8.34 13.52
N CYS A 83 -0.68 8.74 13.85
CA CYS A 83 -1.39 9.73 13.05
C CYS A 83 -2.00 10.80 13.94
N GLU A 84 -2.50 11.86 13.33
CA GLU A 84 -3.12 12.97 14.05
C GLU A 84 -4.18 12.48 15.05
N ASP A 85 -4.11 13.00 16.27
CA ASP A 85 -5.05 12.63 17.34
C ASP A 85 -5.15 11.13 17.62
N ASN A 86 -4.14 10.37 17.20
CA ASN A 86 -4.14 8.92 17.41
C ASN A 86 -5.49 8.28 17.01
N LYS A 87 -6.06 8.74 15.91
N LYS A 87 -6.05 8.73 15.90
CA LYS A 87 -7.39 8.30 15.48
CA LYS A 87 -7.39 8.31 15.51
C LYS A 87 -7.42 6.84 15.09
C LYS A 87 -7.46 6.89 14.98
N PHE A 88 -6.34 6.39 14.45
CA PHE A 88 -6.30 5.05 13.85
C PHE A 88 -4.92 4.41 14.03
N SER A 89 -4.87 3.10 13.82
CA SER A 89 -3.59 2.38 13.73
C SER A 89 -3.45 1.51 12.47
N GLU A 90 -4.55 1.03 11.90
CA GLU A 90 -4.48 0.15 10.72
C GLU A 90 -3.84 0.86 9.53
N PRO A 91 -3.16 0.11 8.66
CA PRO A 91 -2.52 0.69 7.47
C PRO A 91 -3.46 1.49 6.59
N VAL A 92 -2.90 2.50 5.93
CA VAL A 92 -3.63 3.23 4.92
C VAL A 92 -3.67 2.36 3.66
N VAL A 93 -4.87 2.15 3.13
CA VAL A 93 -5.03 1.48 1.85
C VAL A 93 -5.99 2.33 1.06
N MSE A 94 -5.51 2.85 -0.07
CA MSE A 94 -6.40 3.58 -0.95
C MSE A 94 -6.37 2.97 -2.34
O MSE A 94 -5.35 2.38 -2.75
CB MSE A 94 -6.12 5.08 -0.98
CG MSE A 94 -4.76 5.49 -1.47
SE MSE A 94 -4.41 7.41 -1.18
CE MSE A 94 -3.90 7.37 0.68
N THR A 95 -7.49 3.07 -3.02
N THR A 95 -7.47 3.07 -3.06
CA THR A 95 -7.56 2.62 -4.39
CA THR A 95 -7.55 2.54 -4.43
C THR A 95 -7.47 3.88 -5.25
C THR A 95 -7.66 3.66 -5.46
N LEU A 96 -6.61 3.84 -6.25
CA LEU A 96 -6.57 4.90 -7.26
C LEU A 96 -7.07 4.36 -8.59
N ASN A 97 -7.97 5.12 -9.22
CA ASN A 97 -8.32 4.84 -10.59
C ASN A 97 -7.22 5.44 -11.48
N LYS A 98 -6.61 4.62 -12.31
CA LYS A 98 -5.45 5.06 -13.08
C LYS A 98 -5.74 6.23 -14.03
N GLU A 99 -6.80 6.09 -14.83
CA GLU A 99 -7.11 7.12 -15.80
C GLU A 99 -7.53 8.41 -15.10
N ASN A 100 -8.27 8.25 -14.01
N ASN A 100 -8.27 8.29 -14.01
CA ASN A 100 -8.68 9.39 -13.17
CA ASN A 100 -8.65 9.50 -13.27
C ASN A 100 -7.49 10.17 -12.64
C ASN A 100 -7.42 10.21 -12.70
N THR A 101 -6.48 9.44 -12.17
CA THR A 101 -5.26 10.03 -11.65
C THR A 101 -4.52 10.80 -12.73
N LEU A 102 -4.39 10.20 -13.92
N LEU A 102 -4.40 10.19 -13.92
CA LEU A 102 -3.78 10.88 -15.07
CA LEU A 102 -3.78 10.85 -15.06
C LEU A 102 -4.51 12.19 -15.36
C LEU A 102 -4.50 12.15 -15.38
N ASN A 103 -5.84 12.14 -15.42
N ASN A 103 -5.83 12.10 -15.44
CA ASN A 103 -6.63 13.33 -15.68
CA ASN A 103 -6.62 13.30 -15.66
C ASN A 103 -6.44 14.43 -14.62
C ASN A 103 -6.28 14.38 -14.63
N GLN A 104 -6.36 14.03 -13.36
CA GLN A 104 -6.12 15.00 -12.30
C GLN A 104 -4.73 15.61 -12.40
N PHE A 105 -3.73 14.77 -12.67
CA PHE A 105 -2.36 15.28 -12.78
C PHE A 105 -2.22 16.23 -13.97
N LYS A 106 -2.93 15.95 -15.05
CA LYS A 106 -2.91 16.87 -16.19
C LYS A 106 -3.49 18.22 -15.79
N LYS A 107 -4.59 18.19 -15.04
CA LYS A 107 -5.25 19.43 -14.66
C LYS A 107 -4.48 20.26 -13.63
N LEU A 108 -3.59 19.61 -12.87
CA LEU A 108 -2.67 20.29 -11.98
C LEU A 108 -1.43 20.79 -12.72
N GLY A 109 -1.32 20.46 -14.01
CA GLY A 109 -0.18 20.86 -14.80
C GLY A 109 1.08 20.03 -14.57
N LEU A 110 0.91 18.85 -13.95
CA LEU A 110 2.05 17.99 -13.63
C LEU A 110 2.46 17.11 -14.80
N LEU A 111 1.51 16.82 -15.69
CA LEU A 111 1.78 16.02 -16.87
C LEU A 111 1.13 16.68 -18.07
N ASP A 112 1.81 16.54 -19.21
CA ASP A 112 1.29 17.03 -20.49
C ASP A 112 0.02 16.30 -20.92
N SER A 113 -0.85 17.00 -21.63
CA SER A 113 -2.13 16.43 -22.03
C SER A 113 -2.01 15.16 -22.88
N ASN A 114 -0.89 15.00 -23.58
CA ASN A 114 -0.70 13.85 -24.45
C ASN A 114 -0.10 12.64 -23.73
N VAL A 115 0.17 12.76 -22.43
CA VAL A 115 0.65 11.61 -21.65
C VAL A 115 -0.48 10.61 -21.45
N THR A 116 -0.18 9.33 -21.66
CA THR A 116 -1.20 8.29 -21.55
C THR A 116 -0.86 7.18 -20.57
N ASP A 117 0.39 7.14 -20.12
CA ASP A 117 0.88 6.05 -19.27
C ASP A 117 0.78 6.42 -17.79
N PHE A 118 -0.10 5.72 -17.08
CA PHE A 118 -0.28 5.91 -15.65
C PHE A 118 1.02 5.77 -14.87
N GLU A 119 1.96 4.98 -15.37
CA GLU A 119 3.24 4.86 -14.67
C GLU A 119 3.96 6.20 -14.52
N LYS A 120 3.62 7.18 -15.36
CA LYS A 120 4.17 8.53 -15.20
C LYS A 120 3.66 9.19 -13.91
N CYS A 121 2.44 8.87 -13.51
CA CYS A 121 1.90 9.31 -12.23
C CYS A 121 2.65 8.68 -11.08
N VAL A 122 2.87 7.36 -11.17
CA VAL A 122 3.62 6.63 -10.15
C VAL A 122 5.03 7.23 -10.00
N GLU A 123 5.70 7.46 -11.12
N GLU A 123 5.72 7.45 -11.10
CA GLU A 123 7.03 8.04 -11.12
CA GLU A 123 7.05 8.04 -11.05
C GLU A 123 7.05 9.39 -10.39
C GLU A 123 7.04 9.40 -10.35
N TYR A 124 6.07 10.23 -10.68
CA TYR A 124 5.97 11.54 -10.03
C TYR A 124 5.83 11.39 -8.53
N ILE A 125 4.92 10.52 -8.11
CA ILE A 125 4.67 10.35 -6.69
C ILE A 125 5.89 9.79 -5.96
N ARG A 126 6.52 8.77 -6.54
CA ARG A 126 7.73 8.19 -5.94
C ARG A 126 8.83 9.21 -5.81
N LYS A 127 8.98 10.10 -6.79
N LYS A 127 9.00 10.05 -6.83
CA LYS A 127 10.00 11.14 -6.68
CA LYS A 127 10.00 11.12 -6.78
C LYS A 127 9.67 12.18 -5.61
C LYS A 127 9.74 12.05 -5.60
N GLN A 128 8.38 12.45 -5.38
N GLN A 128 8.47 12.42 -5.43
CA GLN A 128 8.01 13.37 -4.32
CA GLN A 128 8.11 13.34 -4.37
C GLN A 128 8.35 12.78 -2.97
C GLN A 128 8.47 12.77 -3.00
N ALA A 129 8.27 11.46 -2.83
CA ALA A 129 8.64 10.81 -1.59
C ALA A 129 10.15 10.92 -1.36
N ILE A 130 10.96 10.63 -2.37
CA ILE A 130 12.41 10.73 -2.18
C ILE A 130 12.84 12.16 -1.87
N LEU A 131 12.24 13.14 -2.56
CA LEU A 131 12.53 14.54 -2.29
C LEU A 131 12.24 14.92 -0.85
N THR A 132 11.28 14.24 -0.21
CA THR A 132 10.85 14.59 1.14
C THR A 132 11.25 13.57 2.19
N GLY A 133 12.08 12.61 1.81
CA GLY A 133 12.73 11.77 2.79
C GLY A 133 12.10 10.41 3.10
N PHE A 134 11.27 9.90 2.21
CA PHE A 134 10.83 8.51 2.37
C PHE A 134 10.73 7.83 1.01
N LYS A 135 10.26 6.59 1.01
CA LYS A 135 10.26 5.78 -0.19
C LYS A 135 8.94 5.07 -0.37
N ILE A 136 8.42 5.15 -1.59
CA ILE A 136 7.26 4.36 -1.98
C ILE A 136 7.70 3.40 -3.08
N SER A 137 7.54 2.10 -2.83
N SER A 137 7.58 2.10 -2.83
CA SER A 137 8.00 1.09 -3.76
CA SER A 137 8.04 1.12 -3.81
C SER A 137 6.97 0.82 -4.86
C SER A 137 7.00 0.83 -4.86
N ASN A 138 7.41 0.12 -5.90
CA ASN A 138 6.51 -0.28 -6.99
C ASN A 138 6.97 -1.65 -7.49
N PRO A 139 6.88 -2.68 -6.62
CA PRO A 139 7.52 -3.98 -6.87
C PRO A 139 7.01 -4.74 -8.08
N PHE A 140 5.82 -4.40 -8.58
CA PHE A 140 5.24 -5.11 -9.71
C PHE A 140 5.53 -4.49 -11.08
N VAL A 141 6.31 -3.42 -11.09
CA VAL A 141 6.71 -2.79 -12.34
C VAL A 141 8.23 -2.64 -12.44
N LYS A 152 15.73 -6.34 -9.72
CA LYS A 152 15.28 -7.40 -10.61
C LYS A 152 14.81 -8.64 -9.84
N ILE A 153 13.83 -8.45 -8.97
CA ILE A 153 13.25 -9.55 -8.21
C ILE A 153 11.78 -9.71 -8.60
N ASN A 154 11.29 -10.95 -8.61
CA ASN A 154 9.93 -11.21 -9.03
C ASN A 154 8.96 -11.26 -7.86
N SER A 155 8.06 -10.28 -7.80
CA SER A 155 7.00 -10.30 -6.81
C SER A 155 5.77 -10.98 -7.37
N PHE A 156 4.95 -11.53 -6.48
CA PHE A 156 3.72 -12.20 -6.88
C PHE A 156 2.66 -12.06 -5.81
N HIS A 157 1.41 -12.27 -6.19
CA HIS A 157 0.32 -12.29 -5.23
C HIS A 157 -0.65 -13.41 -5.56
N LEU A 158 -1.45 -13.78 -4.58
CA LEU A 158 -2.37 -14.90 -4.72
C LEU A 158 -3.50 -14.78 -3.71
N GLN A 159 -4.63 -15.41 -4.02
CA GLN A 159 -5.76 -15.42 -3.11
C GLN A 159 -5.67 -16.63 -2.20
N CYS A 160 -5.99 -16.43 -0.92
CA CYS A 160 -6.08 -17.54 0.00
C CYS A 160 -6.91 -17.14 1.20
N HIS A 161 -7.04 -18.04 2.17
CA HIS A 161 -7.80 -17.76 3.38
C HIS A 161 -6.88 -17.61 4.59
N ARG A 162 -7.28 -16.79 5.56
CA ARG A 162 -6.62 -16.84 6.86
C ARG A 162 -7.64 -17.35 7.89
N GLY A 163 -8.35 -18.42 7.50
CA GLY A 163 -9.51 -18.90 8.23
C GLY A 163 -10.68 -19.00 7.27
N THR A 164 -11.81 -18.39 7.61
CA THR A 164 -12.97 -18.38 6.72
C THR A 164 -12.95 -17.22 5.72
N LYS A 165 -12.11 -16.23 5.99
CA LYS A 165 -12.05 -15.02 5.16
C LYS A 165 -10.97 -15.07 4.09
N GLU A 166 -11.37 -14.83 2.85
CA GLU A 166 -10.44 -14.74 1.74
C GLU A 166 -9.73 -13.39 1.77
N GLY A 167 -8.47 -13.39 1.33
CA GLY A 167 -7.69 -12.17 1.24
C GLY A 167 -6.61 -12.40 0.20
N THR A 168 -5.78 -11.38 0.01
CA THR A 168 -4.68 -11.45 -0.95
C THR A 168 -3.36 -11.46 -0.21
N LEU A 169 -2.54 -12.45 -0.52
CA LEU A 169 -1.20 -12.55 0.01
C LEU A 169 -0.23 -11.99 -1.05
N TYR A 170 0.53 -10.95 -0.68
CA TYR A 170 1.56 -10.37 -1.56
C TYR A 170 2.95 -10.75 -1.09
N PHE A 171 3.76 -11.25 -2.02
CA PHE A 171 5.14 -11.62 -1.74
C PHE A 171 6.08 -10.63 -2.42
N LEU A 172 6.59 -9.72 -1.61
CA LEU A 172 7.42 -8.61 -2.07
C LEU A 172 8.87 -8.85 -1.66
N PRO A 173 9.81 -8.09 -2.24
CA PRO A 173 11.22 -8.38 -1.93
C PRO A 173 11.52 -8.40 -0.43
N ASP A 174 10.96 -7.45 0.32
CA ASP A 174 11.30 -7.30 1.74
C ASP A 174 10.16 -7.58 2.70
N HIS A 175 8.95 -7.80 2.17
CA HIS A 175 7.77 -7.96 3.00
C HIS A 175 6.77 -8.93 2.42
N ILE A 176 5.99 -9.53 3.30
CA ILE A 176 4.78 -10.24 2.92
C ILE A 176 3.60 -9.45 3.49
N ILE A 177 2.55 -9.28 2.69
CA ILE A 177 1.33 -8.58 3.12
C ILE A 177 0.14 -9.50 2.96
N PHE A 178 -0.71 -9.60 3.97
CA PHE A 178 -2.04 -10.20 3.78
C PHE A 178 -3.09 -9.14 3.98
N GLY A 179 -3.88 -8.86 2.94
CA GLY A 179 -4.83 -7.77 2.99
C GLY A 179 -6.13 -8.09 2.27
N PHE A 180 -7.14 -7.22 2.41
CA PHE A 180 -7.00 -5.98 3.17
C PHE A 180 -8.12 -5.82 4.20
N LYS A 181 -8.66 -6.93 4.71
CA LYS A 181 -9.59 -6.89 5.83
C LYS A 181 -8.82 -6.77 7.16
N LYS A 182 -9.42 -6.08 8.13
CA LYS A 182 -8.79 -5.90 9.43
C LYS A 182 -8.66 -7.23 10.16
N PRO A 183 -7.48 -7.50 10.74
CA PRO A 183 -6.25 -6.70 10.76
C PRO A 183 -5.39 -7.03 9.57
N ILE A 184 -4.88 -6.00 8.91
CA ILE A 184 -3.98 -6.19 7.80
C ILE A 184 -2.63 -6.64 8.34
N LEU A 185 -2.08 -7.68 7.74
CA LEU A 185 -0.83 -8.26 8.21
C LEU A 185 0.34 -7.80 7.34
N LEU A 186 1.40 -7.32 7.99
CA LEU A 186 2.65 -7.03 7.33
C LEU A 186 3.76 -7.75 8.08
N LEU A 187 4.50 -8.58 7.35
CA LEU A 187 5.66 -9.30 7.91
C LEU A 187 6.91 -8.90 7.16
N ASP A 188 8.04 -8.82 7.86
CA ASP A 188 9.33 -8.63 7.20
C ASP A 188 9.80 -9.97 6.68
N ALA A 189 10.20 -10.03 5.42
CA ALA A 189 10.68 -11.29 4.84
C ALA A 189 11.82 -11.89 5.64
N SER A 190 12.70 -11.04 6.15
CA SER A 190 13.87 -11.50 6.89
C SER A 190 13.52 -12.06 8.26
N ASP A 191 12.28 -11.86 8.68
CA ASP A 191 11.81 -12.40 9.96
C ASP A 191 11.25 -13.82 9.84
N ILE A 192 11.06 -14.31 8.62
CA ILE A 192 10.51 -15.65 8.44
C ILE A 192 11.55 -16.71 8.80
N GLU A 193 11.17 -17.60 9.72
CA GLU A 193 12.05 -18.67 10.19
C GLU A 193 11.83 -19.96 9.41
N SER A 194 10.58 -20.26 9.13
CA SER A 194 10.24 -21.52 8.48
C SER A 194 8.86 -21.47 7.84
N ILE A 195 8.63 -22.40 6.93
CA ILE A 195 7.30 -22.62 6.37
C ILE A 195 6.98 -24.12 6.50
N THR A 196 5.73 -24.40 6.83
CA THR A 196 5.25 -25.77 6.95
C THR A 196 4.01 -25.94 6.10
N TYR A 197 3.99 -27.01 5.29
CA TYR A 197 2.83 -27.28 4.43
C TYR A 197 1.94 -28.36 5.04
N SER A 198 0.63 -28.16 4.94
CA SER A 198 -0.33 -29.11 5.49
C SER A 198 -1.60 -29.15 4.64
N SER A 199 -2.50 -30.10 4.95
CA SER A 199 -3.72 -30.31 4.19
CA SER A 199 -3.73 -30.32 4.19
C SER A 199 -3.48 -30.25 2.69
N ILE A 200 -2.52 -31.04 2.22
CA ILE A 200 -2.09 -31.02 0.84
C ILE A 200 -2.98 -31.87 -0.06
N THR A 201 -3.53 -31.26 -1.11
CA THR A 201 -4.36 -31.98 -2.08
C THR A 201 -3.98 -31.59 -3.51
N ARG A 202 -4.61 -32.20 -4.50
CA ARG A 202 -4.36 -31.82 -5.89
C ARG A 202 -4.74 -30.37 -6.19
N LEU A 203 -5.67 -29.81 -5.41
CA LEU A 203 -6.14 -28.47 -5.68
C LEU A 203 -5.49 -27.41 -4.81
N THR A 204 -5.18 -27.73 -3.57
CA THR A 204 -4.71 -26.72 -2.64
C THR A 204 -3.75 -27.26 -1.59
N PHE A 205 -3.08 -26.35 -0.90
CA PHE A 205 -2.38 -26.67 0.32
C PHE A 205 -2.52 -25.53 1.33
N ASN A 206 -2.19 -25.82 2.57
CA ASN A 206 -2.15 -24.82 3.62
C ASN A 206 -0.69 -24.58 3.98
N ALA A 207 -0.36 -23.33 4.30
CA ALA A 207 1.01 -22.98 4.66
C ALA A 207 1.05 -22.19 5.95
N SER A 208 1.96 -22.60 6.84
N SER A 208 1.96 -22.59 6.84
CA SER A 208 2.14 -21.92 8.12
CA SER A 208 2.13 -21.91 8.11
C SER A 208 3.53 -21.30 8.16
C SER A 208 3.52 -21.30 8.18
N LEU A 209 3.58 -19.99 8.33
CA LEU A 209 4.85 -19.28 8.43
C LEU A 209 5.14 -19.00 9.89
N VAL A 210 6.35 -19.35 10.32
CA VAL A 210 6.78 -19.05 11.68
C VAL A 210 7.90 -18.02 11.62
N THR A 211 7.75 -16.97 12.42
CA THR A 211 8.74 -15.91 12.45
C THR A 211 9.80 -16.15 13.55
N LYS A 212 10.82 -15.29 13.58
N LYS A 212 10.81 -15.29 13.58
CA LYS A 212 11.91 -15.43 14.53
CA LYS A 212 11.90 -15.45 14.53
C LYS A 212 11.39 -15.41 15.97
C LYS A 212 11.44 -15.35 15.98
N ASP A 213 10.39 -14.58 16.22
CA ASP A 213 9.85 -14.44 17.58
C ASP A 213 8.97 -15.62 17.96
N GLY A 214 8.85 -16.60 17.05
CA GLY A 214 8.14 -17.82 17.33
C GLY A 214 6.67 -17.78 16.95
N GLU A 215 6.20 -16.63 16.53
CA GLU A 215 4.80 -16.46 16.13
C GLU A 215 4.47 -17.24 14.86
N LYS A 216 3.21 -17.66 14.75
CA LYS A 216 2.79 -18.51 13.64
C LYS A 216 1.66 -17.89 12.85
N TYR A 217 1.77 -17.95 11.53
CA TYR A 217 0.80 -17.33 10.65
C TYR A 217 0.30 -18.35 9.64
N GLU A 218 -0.95 -18.75 9.80
CA GLU A 218 -1.52 -19.85 9.03
C GLU A 218 -2.40 -19.38 7.90
N PHE A 219 -2.06 -19.80 6.69
CA PHE A 219 -2.82 -19.46 5.50
C PHE A 219 -3.35 -20.75 4.91
N SER A 220 -4.57 -20.75 4.41
CA SER A 220 -5.14 -21.99 3.91
C SER A 220 -5.74 -21.87 2.52
N MSE A 221 -5.98 -23.01 1.89
CA MSE A 221 -6.61 -23.03 0.57
C MSE A 221 -5.84 -22.24 -0.48
O MSE A 221 -6.43 -21.54 -1.31
CB MSE A 221 -8.07 -22.56 0.67
CG MSE A 221 -8.80 -23.17 1.85
SE MSE A 221 -8.77 -25.11 1.84
CE MSE A 221 -9.95 -25.46 0.31
N ILE A 222 -4.52 -22.38 -0.44
CA ILE A 222 -3.68 -21.79 -1.46
C ILE A 222 -3.68 -22.72 -2.67
N ASP A 223 -3.86 -22.19 -3.87
CA ASP A 223 -3.84 -23.02 -5.07
C ASP A 223 -2.53 -23.80 -5.13
N GLN A 224 -2.63 -25.08 -5.44
CA GLN A 224 -1.45 -25.93 -5.49
C GLN A 224 -0.41 -25.42 -6.50
N THR A 225 -0.85 -24.70 -7.53
CA THR A 225 0.07 -24.14 -8.51
C THR A 225 1.02 -23.08 -7.94
N GLU A 226 0.73 -22.59 -6.74
CA GLU A 226 1.56 -21.54 -6.13
C GLU A 226 2.72 -22.09 -5.31
N TYR A 227 2.80 -23.42 -5.18
CA TYR A 227 3.82 -24.04 -4.34
C TYR A 227 5.24 -23.61 -4.68
N ALA A 228 5.63 -23.74 -5.93
CA ALA A 228 7.02 -23.46 -6.27
C ALA A 228 7.42 -22.02 -5.96
N LYS A 229 6.54 -21.06 -6.28
CA LYS A 229 6.90 -19.66 -6.03
C LYS A 229 7.03 -19.38 -4.54
N ILE A 230 6.13 -19.94 -3.75
CA ILE A 230 6.16 -19.74 -2.31
C ILE A 230 7.38 -20.40 -1.69
N ASP A 231 7.65 -21.64 -2.09
CA ASP A 231 8.78 -22.36 -1.54
C ASP A 231 10.10 -21.66 -1.90
N ASP A 232 10.20 -21.22 -3.15
CA ASP A 232 11.36 -20.45 -3.61
C ASP A 232 11.52 -19.18 -2.79
N TYR A 233 10.41 -18.48 -2.57
CA TYR A 233 10.45 -17.24 -1.83
C TYR A 233 11.06 -17.42 -0.43
N VAL A 234 10.58 -18.42 0.30
CA VAL A 234 11.04 -18.60 1.66
C VAL A 234 12.50 -19.07 1.70
N LYS A 235 12.94 -19.70 0.61
CA LYS A 235 14.32 -20.17 0.49
C LYS A 235 15.29 -19.12 -0.02
N ARG A 236 14.80 -17.92 -0.35
CA ARG A 236 15.67 -16.85 -0.82
C ARG A 236 16.77 -16.54 0.21
N LYS A 237 17.98 -16.30 -0.29
CA LYS A 237 19.11 -15.99 0.56
CA LYS A 237 19.14 -16.07 0.56
C1 GOL B . 9.30 3.87 3.92
O1 GOL B . 8.66 4.87 3.16
C2 GOL B . 10.41 4.51 4.72
O2 GOL B . 11.25 5.23 3.85
C3 GOL B . 11.21 3.40 5.41
O3 GOL B . 12.18 3.97 6.25
C1 MLA C . 9.04 -4.50 -0.28
O1A MLA C . 8.52 -5.12 0.69
O1B MLA C . 10.01 -4.96 -0.89
C2 MLA C . 8.46 -3.17 -0.70
C3 MLA C . 8.79 -2.07 0.29
O3A MLA C . 9.49 -2.35 1.28
O3B MLA C . 8.35 -0.91 0.08
C1 GOL D . -2.61 20.89 -5.79
O1 GOL D . -3.44 21.96 -5.42
C2 GOL D . -1.14 21.30 -5.70
O2 GOL D . -1.05 22.55 -5.03
C3 GOL D . -0.55 21.43 -7.09
O3 GOL D . -0.05 20.20 -7.57
C1 GOL E . 10.94 -3.24 8.11
O1 GOL E . 11.22 -3.40 9.47
C2 GOL E . 9.46 -2.92 7.93
O2 GOL E . 9.30 -2.04 6.85
C3 GOL E . 8.92 -2.27 9.20
O3 GOL E . 7.51 -2.24 9.14
#